data_1ZXB
#
_entry.id   1ZXB
#
_cell.length_a   131.427
_cell.length_b   131.427
_cell.length_c   82.948
_cell.angle_alpha   90.00
_cell.angle_beta   90.00
_cell.angle_gamma   90.00
#
_symmetry.space_group_name_H-M   'P 43 21 2'
#
loop_
_entity.id
_entity.type
_entity.pdbx_description
1 polymer 'enoyl-acyl carrier reductase'
2 non-polymer NICOTINAMIDE-ADENINE-DINUCLEOTIDE
3 non-polymer 3-CHLORO-4-(4-CHLORO-2-HYDROXYPHENOXY)-N-METHYLBENZAMIDE
#
_entity_poly.entity_id   1
_entity_poly.type   'polypeptide(L)'
_entity_poly.pdbx_seq_one_letter_code
;EDICFIAGIGDTNGYGWGIAKELSKRNVKIIFGIWPPVYNIFMKNYKNGKFDNDMIIDKDKKMNILDMLPFDASFDTAND
IDEETKNNKRYNMLQNYTIEDVANLIHQKYGKINMLVHSLANAKEVQKDLLNTSRKGYLDALSKSSYSLISLCKYFVNIM
KPQSSIISLTYHASQKVVPGYGGGMSSAKAALESDTRVLAYHLGRNYNIRINTISAGPLKSRAATAINKLNNTYENNTNQ
NKNRNSHDVHNIMNNSGEKEEKKNSASQNYTFIDYAIEYSEKYAPLRQKLLSTDIGSVASFLLSRESRAITGQTIYVDNG
LNIMFLPDDIYRNENE
;
_entity_poly.pdbx_strand_id   A,B
#
# COMPACT_ATOMS: atom_id res chain seq x y z
N GLU A 1 16.08 3.78 -17.65
CA GLU A 1 15.08 4.17 -18.69
C GLU A 1 13.71 3.52 -18.43
N ASP A 2 12.72 4.36 -18.12
CA ASP A 2 11.40 3.90 -17.67
C ASP A 2 10.24 4.66 -18.28
N ILE A 3 9.28 3.93 -18.86
CA ILE A 3 8.19 4.58 -19.54
C ILE A 3 6.85 4.22 -18.92
N CYS A 4 6.03 5.24 -18.69
CA CYS A 4 4.66 5.02 -18.22
C CYS A 4 3.60 5.58 -19.14
N PHE A 5 2.66 4.73 -19.55
CA PHE A 5 1.48 5.20 -20.23
C PHE A 5 0.40 5.50 -19.22
N ILE A 6 -0.07 6.74 -19.23
CA ILE A 6 -1.23 7.13 -18.45
C ILE A 6 -2.38 7.33 -19.39
N ALA A 7 -3.39 6.48 -19.29
CA ALA A 7 -4.60 6.67 -20.06
C ALA A 7 -5.65 7.28 -19.16
N GLY A 8 -6.23 8.40 -19.59
CA GLY A 8 -7.33 9.02 -18.86
C GLY A 8 -7.03 10.38 -18.24
N ILE A 9 -6.47 11.29 -19.03
CA ILE A 9 -6.49 12.70 -18.68
C ILE A 9 -7.08 13.56 -19.80
N GLY A 10 -7.46 14.77 -19.38
CA GLY A 10 -7.96 15.83 -20.24
C GLY A 10 -7.46 17.18 -19.73
N ASP A 11 -6.77 17.18 -18.59
CA ASP A 11 -6.27 18.40 -17.98
C ASP A 11 -5.32 18.12 -16.82
N THR A 12 -4.98 19.18 -16.09
CA THR A 12 -4.04 19.12 -14.96
C THR A 12 -4.78 19.00 -13.63
N ASN A 13 -6.09 18.87 -13.74
CA ASN A 13 -6.97 19.03 -12.58
C ASN A 13 -7.36 17.70 -11.96
N GLY A 14 -6.83 16.62 -12.55
CA GLY A 14 -7.22 15.28 -12.18
C GLY A 14 -6.11 14.46 -11.55
N TYR A 15 -6.42 13.19 -11.34
CA TYR A 15 -5.49 12.27 -10.68
C TYR A 15 -4.37 11.77 -11.59
N GLY A 16 -4.66 11.64 -12.89
CA GLY A 16 -3.66 11.20 -13.85
C GLY A 16 -2.50 12.15 -13.80
N TRP A 17 -2.81 13.43 -13.65
CA TRP A 17 -1.82 14.48 -13.58
C TRP A 17 -0.93 14.42 -12.33
N GLY A 18 -1.55 14.33 -11.16
CA GLY A 18 -0.80 14.06 -9.94
C GLY A 18 0.03 12.79 -10.07
N ILE A 19 -0.57 11.72 -10.59
CA ILE A 19 0.20 10.50 -10.82
C ILE A 19 1.41 10.81 -11.67
N ALA A 20 1.19 11.63 -12.71
CA ALA A 20 2.24 11.97 -13.67
C ALA A 20 3.36 12.76 -13.03
N LYS A 21 2.99 13.75 -12.22
CA LYS A 21 3.97 14.59 -11.57
C LYS A 21 4.91 13.75 -10.71
N GLU A 22 4.35 12.77 -10.02
CA GLU A 22 5.12 11.99 -9.06
C GLU A 22 6.04 11.00 -9.73
N LEU A 23 5.69 10.62 -10.96
CA LEU A 23 6.57 9.74 -11.72
C LEU A 23 7.79 10.49 -12.24
N SER A 24 7.58 11.71 -12.71
CA SER A 24 8.69 12.55 -13.15
C SER A 24 9.81 12.66 -12.10
N LYS A 25 9.38 12.80 -10.85
CA LYS A 25 10.25 12.79 -9.67
C LYS A 25 11.25 11.63 -9.69
N ARG A 26 10.89 10.51 -10.35
CA ARG A 26 11.79 9.35 -10.50
C ARG A 26 12.38 9.24 -11.91
N ASN A 27 12.23 10.29 -12.73
CA ASN A 27 12.74 10.31 -14.12
C ASN A 27 12.17 9.19 -15.03
N VAL A 28 10.86 9.01 -14.98
CA VAL A 28 10.15 8.06 -15.85
C VAL A 28 9.34 8.81 -16.91
N LYS A 29 9.69 8.55 -18.18
CA LYS A 29 9.02 9.13 -19.34
C LYS A 29 7.52 8.85 -19.24
N ILE A 30 6.71 9.86 -19.55
CA ILE A 30 5.28 9.72 -19.41
C ILE A 30 4.68 9.81 -20.79
N ILE A 31 3.77 8.90 -21.12
CA ILE A 31 2.95 9.04 -22.33
C ILE A 31 1.47 9.15 -21.97
N PHE A 32 0.84 10.23 -22.43
CA PHE A 32 -0.54 10.52 -22.06
C PHE A 32 -1.53 10.04 -23.08
N GLY A 33 -2.56 9.33 -22.62
CA GLY A 33 -3.68 8.93 -23.46
C GLY A 33 -4.90 9.80 -23.20
N ILE A 34 -5.28 10.58 -24.21
CA ILE A 34 -6.35 11.56 -24.06
C ILE A 34 -7.55 11.12 -24.88
N TRP A 35 -8.72 11.13 -24.23
CA TRP A 35 -10.02 10.92 -24.87
C TRP A 35 -10.19 11.88 -26.05
N PRO A 36 -10.28 11.34 -27.29
CA PRO A 36 -10.30 12.17 -28.51
C PRO A 36 -11.11 13.49 -28.48
N PRO A 37 -12.35 13.47 -27.95
CA PRO A 37 -13.12 14.72 -27.97
C PRO A 37 -12.38 15.91 -27.37
N VAL A 38 -11.46 15.66 -26.44
CA VAL A 38 -10.79 16.78 -25.77
C VAL A 38 -9.29 16.90 -26.06
N TYR A 39 -8.78 16.11 -27.01
CA TYR A 39 -7.33 16.05 -27.29
C TYR A 39 -6.81 17.31 -27.98
N ASN A 40 -7.50 17.77 -29.03
CA ASN A 40 -7.09 18.99 -29.75
C ASN A 40 -7.17 20.18 -28.82
N ILE A 41 -8.23 20.19 -28.04
CA ILE A 41 -8.43 21.24 -27.09
C ILE A 41 -7.29 21.19 -26.05
N PHE A 42 -6.84 19.98 -25.72
CA PHE A 42 -5.72 19.79 -24.81
C PHE A 42 -4.38 20.24 -25.39
N MET A 43 -4.14 19.91 -26.65
CA MET A 43 -2.90 20.31 -27.29
C MET A 43 -2.82 21.81 -27.41
N LYS A 44 -3.97 22.43 -27.65
CA LYS A 44 -4.07 23.88 -27.72
C LYS A 44 -3.53 24.48 -26.43
N ASN A 45 -4.14 24.14 -25.30
CA ASN A 45 -3.67 24.57 -23.98
C ASN A 45 -2.21 24.23 -23.72
N TYR A 46 -1.80 23.05 -24.18
CA TYR A 46 -0.41 22.66 -24.04
C TYR A 46 0.47 23.62 -24.81
N LYS A 47 0.15 23.82 -26.09
CA LYS A 47 0.95 24.72 -26.95
C LYS A 47 1.00 26.15 -26.40
N ASN A 48 -0.14 26.63 -25.90
CA ASN A 48 -0.29 28.00 -25.43
C ASN A 48 0.27 28.25 -24.02
N GLY A 49 1.03 27.30 -23.50
CA GLY A 49 1.70 27.46 -22.22
C GLY A 49 0.88 27.31 -20.94
N LYS A 50 -0.39 26.92 -21.08
CA LYS A 50 -1.30 26.81 -19.94
C LYS A 50 -0.91 25.80 -18.86
N PHE A 51 -0.11 24.79 -19.23
CA PHE A 51 0.24 23.74 -18.27
C PHE A 51 1.65 23.91 -17.76
N ASP A 52 2.32 24.98 -18.19
CA ASP A 52 3.72 25.17 -17.85
C ASP A 52 3.94 25.36 -16.35
N ASN A 53 3.11 26.15 -15.69
CA ASN A 53 3.18 26.26 -14.24
C ASN A 53 2.95 24.91 -13.57
N ASP A 54 2.00 24.17 -14.12
CA ASP A 54 1.60 22.91 -13.53
C ASP A 54 2.62 21.80 -13.74
N MET A 55 3.62 22.07 -14.59
CA MET A 55 4.55 21.04 -15.05
C MET A 55 5.85 21.00 -14.26
N ILE A 56 6.08 22.04 -13.48
CA ILE A 56 7.24 22.10 -12.61
C ILE A 56 7.22 20.98 -11.60
N ILE A 57 8.26 20.15 -11.62
CA ILE A 57 8.55 19.29 -10.50
C ILE A 57 9.52 20.11 -9.66
N ASP A 58 8.98 20.82 -8.66
CA ASP A 58 9.71 21.79 -7.83
C ASP A 58 11.19 21.88 -8.23
N LYS A 59 11.96 20.92 -7.70
CA LYS A 59 13.40 20.79 -7.93
C LYS A 59 13.84 20.87 -9.40
N ASP A 60 13.86 22.10 -9.92
CA ASP A 60 14.54 22.42 -11.18
C ASP A 60 14.55 21.34 -12.25
N LYS A 61 13.37 20.75 -12.48
CA LYS A 61 13.18 19.83 -13.58
C LYS A 61 11.77 20.03 -14.12
N LYS A 62 11.68 20.09 -15.44
CA LYS A 62 10.40 20.15 -16.10
C LYS A 62 9.88 18.74 -16.16
N MET A 63 8.57 18.59 -16.02
CA MET A 63 7.92 17.32 -16.28
C MET A 63 8.22 16.86 -17.72
N ASN A 64 8.82 15.69 -17.84
CA ASN A 64 9.24 15.12 -19.12
C ASN A 64 8.12 14.29 -19.72
N ILE A 65 7.24 14.96 -20.47
CA ILE A 65 6.22 14.27 -21.25
C ILE A 65 6.92 13.75 -22.49
N LEU A 66 6.80 12.46 -22.74
CA LEU A 66 7.39 11.86 -23.92
C LEU A 66 6.49 12.09 -25.15
N ASP A 67 5.18 11.98 -24.95
CA ASP A 67 4.19 12.03 -26.04
C ASP A 67 2.81 12.16 -25.44
N MET A 68 1.91 12.72 -26.23
CA MET A 68 0.51 12.78 -25.86
C MET A 68 -0.22 12.17 -27.02
N LEU A 69 -1.16 11.30 -26.74
CA LEU A 69 -1.83 10.57 -27.80
C LEU A 69 -3.34 10.53 -27.63
N PRO A 70 -4.06 10.61 -28.75
CA PRO A 70 -5.49 10.37 -28.73
C PRO A 70 -5.75 8.92 -28.38
N PHE A 71 -6.66 8.70 -27.43
CA PHE A 71 -6.93 7.37 -26.87
C PHE A 71 -8.36 7.23 -26.39
N ASP A 72 -9.10 6.28 -26.93
CA ASP A 72 -10.50 6.05 -26.51
C ASP A 72 -10.76 4.66 -25.92
N ALA A 73 -11.09 4.64 -24.64
CA ALA A 73 -11.22 3.41 -23.86
C ALA A 73 -12.47 2.59 -24.17
N SER A 74 -13.20 2.96 -25.21
CA SER A 74 -14.45 2.26 -25.55
C SER A 74 -14.34 1.43 -26.81
N PHE A 75 -13.32 1.69 -27.60
CA PHE A 75 -13.02 0.89 -28.80
C PHE A 75 -11.73 0.14 -28.59
N ASP A 76 -11.77 -1.15 -28.87
CA ASP A 76 -10.61 -2.03 -28.67
C ASP A 76 -9.69 -2.03 -29.87
N THR A 77 -10.28 -2.12 -31.05
CA THR A 77 -9.54 -2.28 -32.29
C THR A 77 -10.18 -1.45 -33.38
N ALA A 78 -9.47 -1.33 -34.51
CA ALA A 78 -9.98 -0.60 -35.66
C ALA A 78 -11.45 -0.91 -35.96
N ASN A 79 -11.75 -2.18 -36.21
CA ASN A 79 -13.12 -2.55 -36.58
C ASN A 79 -14.19 -2.41 -35.47
N ASP A 80 -13.75 -1.98 -34.29
CA ASP A 80 -14.69 -1.68 -33.21
C ASP A 80 -15.30 -0.31 -33.39
N ILE A 81 -14.99 0.32 -34.52
CA ILE A 81 -15.32 1.70 -34.76
C ILE A 81 -16.65 1.87 -35.55
N ASP A 82 -17.66 2.38 -34.85
CA ASP A 82 -18.97 2.63 -35.46
C ASP A 82 -18.93 3.81 -36.45
N GLU A 83 -19.97 3.95 -37.26
CA GLU A 83 -19.85 4.83 -38.42
C GLU A 83 -20.40 6.27 -38.29
N GLU A 84 -20.80 6.64 -37.08
CA GLU A 84 -21.02 8.03 -36.74
C GLU A 84 -19.74 8.61 -36.12
N THR A 85 -18.88 7.72 -35.61
CA THR A 85 -17.56 8.13 -35.15
C THR A 85 -16.58 8.15 -36.34
N LYS A 86 -16.99 7.55 -37.47
CA LYS A 86 -16.37 7.84 -38.76
C LYS A 86 -16.69 9.28 -39.13
N ASN A 87 -17.91 9.71 -38.76
CA ASN A 87 -18.45 11.04 -39.10
C ASN A 87 -18.15 12.19 -38.13
N ASN A 88 -17.96 11.86 -36.85
CA ASN A 88 -17.96 12.89 -35.81
C ASN A 88 -16.88 13.95 -35.96
N LYS A 89 -17.31 15.20 -35.89
CA LYS A 89 -16.45 16.39 -35.90
C LYS A 89 -15.12 16.11 -35.20
N ARG A 90 -15.21 15.61 -33.97
CA ARG A 90 -14.05 15.47 -33.08
C ARG A 90 -13.07 14.36 -33.48
N TYR A 91 -13.59 13.21 -33.87
CA TYR A 91 -12.77 12.04 -34.16
C TYR A 91 -12.22 12.03 -35.58
N ASN A 92 -12.94 12.70 -36.48
CA ASN A 92 -12.59 12.79 -37.90
C ASN A 92 -11.11 12.91 -38.18
N MET A 93 -10.55 14.06 -37.81
CA MET A 93 -9.16 14.39 -38.07
C MET A 93 -8.21 13.65 -37.10
N LEU A 94 -8.61 12.48 -36.64
CA LEU A 94 -7.75 11.68 -35.78
C LEU A 94 -7.75 10.20 -36.17
N GLN A 95 -6.61 9.54 -35.94
CA GLN A 95 -6.42 8.12 -36.25
C GLN A 95 -5.64 7.32 -35.16
N ASN A 96 -5.77 6.00 -35.20
CA ASN A 96 -5.04 5.14 -34.27
C ASN A 96 -5.34 5.40 -32.78
N TYR A 97 -6.58 5.72 -32.44
CA TYR A 97 -6.92 6.07 -31.06
C TYR A 97 -7.58 4.95 -30.27
N THR A 98 -7.78 3.79 -30.89
CA THR A 98 -8.29 2.61 -30.20
C THR A 98 -7.17 2.00 -29.35
N ILE A 99 -7.53 1.12 -28.41
CA ILE A 99 -6.58 0.54 -27.44
C ILE A 99 -5.46 -0.25 -28.14
N GLU A 100 -5.83 -1.19 -29.00
CA GLU A 100 -4.82 -1.92 -29.76
C GLU A 100 -3.99 -0.97 -30.62
N ASP A 101 -4.65 0.07 -31.13
CA ASP A 101 -3.96 1.03 -31.98
C ASP A 101 -2.91 1.83 -31.26
N VAL A 102 -3.24 2.34 -30.07
CA VAL A 102 -2.26 3.14 -29.31
C VAL A 102 -1.22 2.25 -28.65
N ALA A 103 -1.56 1.00 -28.36
CA ALA A 103 -0.56 0.04 -27.91
C ALA A 103 0.49 -0.16 -28.98
N ASN A 104 0.05 -0.28 -30.24
CA ASN A 104 0.97 -0.51 -31.35
C ASN A 104 1.76 0.74 -31.72
N LEU A 105 1.06 1.87 -31.78
CA LEU A 105 1.66 3.18 -32.03
C LEU A 105 2.79 3.41 -31.03
N ILE A 106 2.51 3.27 -29.71
CA ILE A 106 3.52 3.42 -28.66
C ILE A 106 4.66 2.47 -28.88
N HIS A 107 4.31 1.19 -29.00
CA HIS A 107 5.30 0.12 -29.20
C HIS A 107 6.23 0.41 -30.36
N GLN A 108 5.67 0.92 -31.44
CA GLN A 108 6.37 1.21 -32.67
C GLN A 108 7.35 2.36 -32.54
N LYS A 109 6.95 3.38 -31.78
CA LYS A 109 7.74 4.59 -31.60
C LYS A 109 8.82 4.45 -30.51
N TYR A 110 8.55 3.65 -29.48
CA TYR A 110 9.36 3.65 -28.26
C TYR A 110 9.72 2.25 -27.70
N GLY A 111 9.18 1.21 -28.31
CA GLY A 111 9.46 -0.14 -27.84
C GLY A 111 8.73 -0.51 -26.56
N LYS A 112 9.36 -1.41 -25.80
CA LYS A 112 8.80 -1.98 -24.58
C LYS A 112 8.57 -0.93 -23.51
N ILE A 113 7.44 -1.01 -22.81
CA ILE A 113 7.20 -0.15 -21.65
C ILE A 113 7.04 -1.01 -20.40
N ASN A 114 6.77 -0.39 -19.24
CA ASN A 114 6.76 -1.14 -17.98
C ASN A 114 5.91 -0.56 -16.85
N MET A 115 5.10 0.45 -17.17
CA MET A 115 4.21 1.05 -16.18
C MET A 115 2.93 1.52 -16.82
N LEU A 116 1.82 0.95 -16.38
CA LEU A 116 0.53 1.22 -16.99
C LEU A 116 -0.37 1.87 -15.97
N VAL A 117 -1.18 2.84 -16.41
CA VAL A 117 -2.16 3.48 -15.55
C VAL A 117 -3.49 3.60 -16.24
N HIS A 118 -4.50 2.97 -15.64
CA HIS A 118 -5.88 3.21 -16.00
C HIS A 118 -6.40 4.28 -15.06
N SER A 119 -6.64 5.47 -15.60
CA SER A 119 -7.12 6.62 -14.82
C SER A 119 -8.32 7.31 -15.46
N LEU A 120 -9.25 6.51 -15.95
CA LEU A 120 -10.36 7.05 -16.65
C LEU A 120 -11.61 6.43 -16.13
N ALA A 121 -12.70 7.18 -16.23
CA ALA A 121 -14.02 6.67 -15.90
C ALA A 121 -15.08 7.47 -16.66
N ASN A 122 -16.23 6.83 -16.85
CA ASN A 122 -17.40 7.48 -17.38
C ASN A 122 -18.64 6.65 -17.09
N ALA A 123 -19.62 7.29 -16.47
CA ALA A 123 -20.97 6.78 -16.40
C ALA A 123 -21.91 7.86 -16.92
N LYS A 124 -22.27 7.75 -18.20
CA LYS A 124 -23.22 8.68 -18.85
C LYS A 124 -24.31 9.15 -17.89
N GLU A 125 -24.88 8.22 -17.14
CA GLU A 125 -26.08 8.50 -16.34
C GLU A 125 -25.81 8.69 -14.85
N VAL A 126 -24.59 9.03 -14.48
CA VAL A 126 -24.19 9.17 -13.06
C VAL A 126 -25.17 9.95 -12.14
N GLN A 127 -25.92 10.89 -12.71
CA GLN A 127 -26.76 11.75 -11.90
C GLN A 127 -28.04 11.03 -11.48
N LYS A 128 -28.51 10.12 -12.30
CA LYS A 128 -29.65 9.29 -11.93
C LYS A 128 -29.17 8.21 -11.00
N ASP A 129 -29.93 7.91 -9.95
CA ASP A 129 -29.52 6.86 -9.03
C ASP A 129 -29.68 5.46 -9.64
N LEU A 130 -29.02 4.47 -9.05
CA LEU A 130 -28.89 3.13 -9.65
C LEU A 130 -30.23 2.55 -10.13
N LEU A 131 -31.25 2.71 -9.32
CA LEU A 131 -32.62 2.24 -9.63
C LEU A 131 -33.15 2.85 -10.92
N ASN A 132 -32.72 4.08 -11.24
CA ASN A 132 -33.24 4.78 -12.39
C ASN A 132 -32.23 4.84 -13.53
N THR A 133 -31.30 3.91 -13.49
CA THR A 133 -30.27 3.83 -14.49
C THR A 133 -30.63 2.77 -15.53
N SER A 134 -30.58 3.18 -16.79
CA SER A 134 -31.04 2.35 -17.89
C SER A 134 -29.96 1.34 -18.27
N ARG A 135 -30.39 0.25 -18.90
CA ARG A 135 -29.47 -0.72 -19.50
C ARG A 135 -28.37 0.00 -20.26
N LYS A 136 -28.74 0.78 -21.25
CA LYS A 136 -27.75 1.51 -22.02
C LYS A 136 -26.71 2.18 -21.12
N GLY A 137 -27.18 2.92 -20.11
CA GLY A 137 -26.32 3.73 -19.26
C GLY A 137 -25.46 2.89 -18.35
N TYR A 138 -26.08 1.91 -17.71
CA TYR A 138 -25.36 0.97 -16.85
C TYR A 138 -24.20 0.36 -17.60
N LEU A 139 -24.51 -0.22 -18.77
CA LEU A 139 -23.58 -1.01 -19.54
C LEU A 139 -22.48 -0.17 -20.12
N ASP A 140 -22.83 1.06 -20.51
CA ASP A 140 -21.85 2.00 -21.03
C ASP A 140 -20.92 2.45 -19.91
N ALA A 141 -21.42 2.53 -18.68
CA ALA A 141 -20.56 2.78 -17.53
C ALA A 141 -19.54 1.66 -17.33
N LEU A 142 -20.00 0.42 -17.44
CA LEU A 142 -19.15 -0.74 -17.27
C LEU A 142 -18.18 -0.97 -18.39
N SER A 143 -18.56 -0.57 -19.60
CA SER A 143 -17.66 -0.69 -20.74
C SER A 143 -16.57 0.34 -20.60
N LYS A 144 -16.99 1.59 -20.42
CA LYS A 144 -16.06 2.68 -20.26
C LYS A 144 -15.17 2.55 -19.00
N SER A 145 -15.73 2.19 -17.85
CA SER A 145 -14.97 2.27 -16.58
C SER A 145 -14.41 0.97 -16.03
N SER A 146 -14.88 -0.19 -16.51
CA SER A 146 -14.34 -1.48 -16.06
C SER A 146 -13.68 -2.27 -17.17
N TYR A 147 -14.42 -2.56 -18.23
CA TYR A 147 -13.89 -3.40 -19.30
C TYR A 147 -12.72 -2.78 -20.00
N SER A 148 -12.68 -1.45 -20.06
CA SER A 148 -11.51 -0.76 -20.59
C SER A 148 -10.17 -1.23 -19.97
N LEU A 149 -10.15 -1.47 -18.66
CA LEU A 149 -8.94 -1.95 -17.96
C LEU A 149 -8.45 -3.28 -18.54
N ILE A 150 -9.33 -4.27 -18.51
CA ILE A 150 -9.02 -5.57 -19.04
C ILE A 150 -8.47 -5.43 -20.48
N SER A 151 -9.13 -4.61 -21.27
CA SER A 151 -8.73 -4.33 -22.63
C SER A 151 -7.31 -3.79 -22.69
N LEU A 152 -7.04 -2.78 -21.85
CA LEU A 152 -5.71 -2.24 -21.76
C LEU A 152 -4.72 -3.37 -21.50
N CYS A 153 -5.00 -4.19 -20.47
CA CYS A 153 -4.09 -5.25 -20.06
C CYS A 153 -3.86 -6.21 -21.18
N LYS A 154 -4.95 -6.59 -21.85
CA LYS A 154 -4.90 -7.51 -22.99
C LYS A 154 -3.94 -7.00 -24.07
N TYR A 155 -4.07 -5.72 -24.41
CA TYR A 155 -3.26 -5.20 -25.52
C TYR A 155 -1.90 -4.65 -25.13
N PHE A 156 -1.78 -4.20 -23.88
CA PHE A 156 -0.52 -3.61 -23.44
C PHE A 156 0.46 -4.63 -22.95
N VAL A 157 -0.04 -5.72 -22.39
CA VAL A 157 0.83 -6.79 -21.93
C VAL A 157 1.78 -7.28 -23.02
N ASN A 158 1.48 -7.00 -24.28
CA ASN A 158 2.36 -7.43 -25.38
C ASN A 158 3.56 -6.54 -25.47
N ILE A 159 3.37 -5.30 -25.07
CA ILE A 159 4.43 -4.32 -25.19
C ILE A 159 5.09 -4.01 -23.85
N MET A 160 5.03 -4.97 -22.93
CA MET A 160 5.65 -4.74 -21.62
C MET A 160 6.75 -5.74 -21.26
N LYS A 161 7.63 -5.34 -20.38
CA LYS A 161 8.70 -6.18 -19.90
C LYS A 161 8.19 -7.02 -18.73
N PRO A 162 8.87 -8.15 -18.42
CA PRO A 162 8.50 -8.86 -17.19
C PRO A 162 8.71 -7.94 -16.01
N GLN A 163 7.99 -8.17 -14.92
CA GLN A 163 8.11 -7.36 -13.67
C GLN A 163 7.43 -5.97 -13.78
N SER A 164 6.79 -5.70 -14.91
CA SER A 164 6.06 -4.47 -15.12
C SER A 164 4.94 -4.29 -14.11
N SER A 165 4.39 -3.08 -14.01
CA SER A 165 3.34 -2.81 -13.03
C SER A 165 2.18 -1.97 -13.57
N ILE A 166 0.97 -2.32 -13.12
CA ILE A 166 -0.29 -1.65 -13.54
C ILE A 166 -1.11 -1.11 -12.34
N ILE A 167 -1.67 0.09 -12.48
CA ILE A 167 -2.65 0.56 -11.51
C ILE A 167 -3.90 1.08 -12.18
N SER A 168 -4.98 1.12 -11.38
CA SER A 168 -6.26 1.72 -11.76
C SER A 168 -6.76 2.47 -10.54
N LEU A 169 -7.56 3.52 -10.74
CA LEU A 169 -8.18 4.21 -9.61
C LEU A 169 -9.56 3.67 -9.35
N THR A 170 -10.03 3.82 -8.11
CA THR A 170 -11.35 3.34 -7.71
C THR A 170 -11.89 4.10 -6.49
N TYR A 171 -13.18 3.90 -6.22
CA TYR A 171 -13.81 4.66 -5.19
C TYR A 171 -14.65 3.75 -4.30
N HIS A 172 -14.47 3.96 -2.99
CA HIS A 172 -15.11 3.22 -1.91
C HIS A 172 -16.65 3.06 -2.02
N ALA A 173 -17.28 3.74 -2.98
CA ALA A 173 -18.70 3.58 -3.27
C ALA A 173 -19.13 2.18 -3.70
N SER A 174 -18.16 1.40 -4.17
CA SER A 174 -18.34 -0.01 -4.50
C SER A 174 -18.55 -0.87 -3.27
N GLN A 175 -17.96 -0.45 -2.15
CA GLN A 175 -18.03 -1.28 -0.95
C GLN A 175 -19.05 -0.79 0.07
N LYS A 176 -19.27 0.53 0.08
CA LYS A 176 -20.25 1.20 0.94
C LYS A 176 -21.01 2.22 0.10
N VAL A 177 -22.30 2.38 0.38
CA VAL A 177 -23.14 3.18 -0.52
C VAL A 177 -22.89 4.68 -0.36
N VAL A 178 -22.62 5.34 -1.49
CA VAL A 178 -22.60 6.81 -1.54
C VAL A 178 -23.78 7.31 -2.37
N PRO A 179 -24.85 7.77 -1.68
CA PRO A 179 -26.00 8.32 -2.40
C PRO A 179 -25.51 9.47 -3.29
N GLY A 180 -25.89 9.45 -4.57
CA GLY A 180 -25.39 10.44 -5.52
C GLY A 180 -24.39 9.88 -6.52
N TYR A 181 -23.80 8.74 -6.20
CA TYR A 181 -22.81 8.11 -7.07
C TYR A 181 -23.47 7.09 -7.99
N GLY A 182 -24.39 7.58 -8.81
CA GLY A 182 -25.27 6.70 -9.58
C GLY A 182 -24.73 6.29 -10.92
N GLY A 183 -25.64 5.87 -11.80
CA GLY A 183 -25.33 5.56 -13.20
C GLY A 183 -24.66 4.21 -13.38
N GLY A 184 -24.34 3.57 -12.28
CA GLY A 184 -23.64 2.30 -12.32
C GLY A 184 -22.16 2.48 -12.09
N MET A 185 -21.73 3.72 -11.80
CA MET A 185 -20.34 3.96 -11.42
C MET A 185 -19.91 3.03 -10.28
N SER A 186 -20.70 2.98 -9.21
CA SER A 186 -20.44 2.10 -8.08
C SER A 186 -20.32 0.67 -8.57
N SER A 187 -21.24 0.28 -9.44
CA SER A 187 -21.21 -1.04 -10.06
C SER A 187 -19.90 -1.21 -10.80
N ALA A 188 -19.56 -0.19 -11.59
CA ALA A 188 -18.34 -0.22 -12.36
C ALA A 188 -17.14 -0.39 -11.44
N LYS A 189 -17.11 0.37 -10.35
CA LYS A 189 -15.96 0.32 -9.45
C LYS A 189 -15.83 -1.06 -8.78
N ALA A 190 -16.96 -1.63 -8.43
CA ALA A 190 -16.99 -2.95 -7.86
C ALA A 190 -16.40 -3.99 -8.81
N ALA A 191 -16.79 -3.93 -10.08
CA ALA A 191 -16.28 -4.89 -11.07
C ALA A 191 -14.78 -4.66 -11.27
N LEU A 192 -14.37 -3.40 -11.29
CA LEU A 192 -12.96 -3.07 -11.35
C LEU A 192 -12.18 -3.72 -10.21
N GLU A 193 -12.60 -3.46 -8.98
CA GLU A 193 -11.87 -3.94 -7.80
C GLU A 193 -11.67 -5.47 -7.86
N SER A 194 -12.73 -6.18 -8.26
CA SER A 194 -12.71 -7.62 -8.40
C SER A 194 -11.89 -8.12 -9.60
N ASP A 195 -12.18 -7.58 -10.78
CA ASP A 195 -11.32 -7.77 -11.94
C ASP A 195 -9.83 -7.61 -11.64
N THR A 196 -9.47 -6.66 -10.79
CA THR A 196 -8.07 -6.43 -10.36
C THR A 196 -7.46 -7.69 -9.72
N ARG A 197 -8.22 -8.35 -8.87
CA ARG A 197 -7.76 -9.61 -8.31
C ARG A 197 -7.58 -10.62 -9.45
N VAL A 198 -8.68 -10.97 -10.09
CA VAL A 198 -8.68 -11.96 -11.16
C VAL A 198 -7.51 -11.69 -12.15
N LEU A 199 -7.41 -10.47 -12.66
CA LEU A 199 -6.32 -10.10 -13.54
C LEU A 199 -4.95 -10.39 -12.91
N ALA A 200 -4.78 -9.97 -11.64
CA ALA A 200 -3.57 -10.28 -10.87
C ALA A 200 -3.16 -11.73 -11.06
N TYR A 201 -4.10 -12.66 -10.91
CA TYR A 201 -3.80 -14.08 -11.10
C TYR A 201 -3.21 -14.37 -12.51
N HIS A 202 -4.01 -14.18 -13.57
CA HIS A 202 -3.58 -14.38 -14.96
C HIS A 202 -2.32 -13.60 -15.33
N LEU A 203 -2.31 -12.30 -15.05
CA LEU A 203 -1.16 -11.46 -15.33
C LEU A 203 0.06 -11.87 -14.50
N GLY A 204 -0.19 -12.35 -13.28
CA GLY A 204 0.91 -12.71 -12.38
C GLY A 204 1.50 -14.07 -12.71
N ARG A 205 0.66 -15.09 -12.76
CA ARG A 205 1.10 -16.41 -13.20
C ARG A 205 1.80 -16.38 -14.56
N ASN A 206 1.13 -15.81 -15.56
CA ASN A 206 1.55 -15.89 -16.97
C ASN A 206 2.65 -14.92 -17.39
N TYR A 207 2.66 -13.72 -16.83
CA TYR A 207 3.61 -12.71 -17.27
C TYR A 207 4.55 -12.18 -16.21
N ASN A 208 4.43 -12.69 -14.98
CA ASN A 208 5.10 -12.11 -13.82
C ASN A 208 4.87 -10.59 -13.78
N ILE A 209 3.67 -10.17 -14.10
CA ILE A 209 3.30 -8.76 -14.10
C ILE A 209 2.24 -8.51 -13.02
N ARG A 210 2.46 -7.48 -12.21
CA ARG A 210 1.56 -7.13 -11.09
C ARG A 210 0.46 -6.13 -11.52
N ILE A 211 -0.65 -6.14 -10.78
CA ILE A 211 -1.71 -5.16 -10.97
C ILE A 211 -2.43 -4.90 -9.66
N ASN A 212 -2.69 -3.63 -9.37
CA ASN A 212 -3.36 -3.18 -8.17
C ASN A 212 -4.30 -2.02 -8.50
N THR A 213 -5.12 -1.61 -7.53
CA THR A 213 -6.02 -0.47 -7.71
C THR A 213 -5.95 0.51 -6.55
N ILE A 214 -5.86 1.79 -6.85
CA ILE A 214 -5.83 2.80 -5.78
C ILE A 214 -7.22 3.34 -5.54
N SER A 215 -7.68 3.24 -4.31
CA SER A 215 -8.98 3.75 -3.96
C SER A 215 -8.78 5.09 -3.31
N ALA A 216 -9.04 6.14 -4.07
CA ALA A 216 -8.77 7.50 -3.62
C ALA A 216 -9.95 8.17 -2.90
N GLY A 217 -9.64 9.30 -2.26
CA GLY A 217 -10.64 10.12 -1.61
C GLY A 217 -11.05 11.19 -2.58
N PRO A 218 -12.01 12.05 -2.18
CA PRO A 218 -12.57 12.97 -3.14
C PRO A 218 -11.52 13.98 -3.54
N LEU A 219 -11.60 14.40 -4.80
CA LEU A 219 -10.71 15.42 -5.34
C LEU A 219 -11.48 16.21 -6.38
N LYS A 220 -11.51 17.51 -6.18
CA LYS A 220 -12.18 18.43 -7.09
C LYS A 220 -11.50 18.46 -8.47
N SER A 221 -11.65 17.36 -9.20
CA SER A 221 -11.20 17.28 -10.59
C SER A 221 -12.33 17.73 -11.51
N ARG A 222 -12.03 17.90 -12.80
CA ARG A 222 -13.04 18.31 -13.77
C ARG A 222 -14.26 17.39 -13.75
N ALA A 223 -14.02 16.08 -13.80
CA ALA A 223 -15.10 15.08 -13.79
C ALA A 223 -15.86 14.97 -12.47
N ALA A 224 -15.18 15.20 -11.35
CA ALA A 224 -15.83 15.20 -10.03
C ALA A 224 -16.90 16.31 -9.94
N THR A 225 -16.59 17.44 -10.57
CA THR A 225 -17.49 18.58 -10.65
C THR A 225 -18.59 18.27 -11.66
N ALA A 226 -18.23 17.55 -12.73
CA ALA A 226 -19.19 17.13 -13.74
C ALA A 226 -20.22 16.16 -13.16
N ILE A 227 -19.92 15.59 -11.99
CA ILE A 227 -20.91 14.78 -11.26
C ILE A 227 -22.14 15.64 -10.98
N ASN A 228 -21.90 16.84 -10.45
CA ASN A 228 -22.87 17.93 -10.61
C ASN A 228 -24.12 17.71 -9.77
N LYS A 229 -24.18 16.61 -9.02
CA LYS A 229 -25.36 16.24 -8.22
C LYS A 229 -25.72 17.37 -7.24
N TYR A 270 -24.53 22.51 -2.18
CA TYR A 270 -23.50 22.50 -3.28
C TYR A 270 -23.31 21.10 -3.91
N THR A 271 -22.25 20.94 -4.73
CA THR A 271 -22.01 19.71 -5.49
C THR A 271 -21.70 18.51 -4.61
N PHE A 272 -22.12 17.35 -5.09
CA PHE A 272 -21.71 16.06 -4.57
C PHE A 272 -20.28 16.11 -4.09
N ILE A 273 -19.43 16.73 -4.89
CA ILE A 273 -18.00 16.70 -4.66
C ILE A 273 -17.59 17.72 -3.62
N ASP A 274 -18.35 18.81 -3.48
CA ASP A 274 -18.04 19.80 -2.45
C ASP A 274 -18.35 19.20 -1.09
N TYR A 275 -19.41 18.42 -1.04
CA TYR A 275 -19.82 17.73 0.15
C TYR A 275 -18.77 16.73 0.58
N ALA A 276 -18.28 15.95 -0.38
CA ALA A 276 -17.35 14.84 -0.10
C ALA A 276 -16.01 15.32 0.43
N ILE A 277 -15.49 16.39 -0.17
CA ILE A 277 -14.27 17.02 0.32
C ILE A 277 -14.52 17.64 1.70
N GLU A 278 -15.67 18.31 1.88
CA GLU A 278 -15.99 18.96 3.15
C GLU A 278 -16.02 17.96 4.31
N TYR A 279 -16.78 16.88 4.11
CA TYR A 279 -16.92 15.81 5.07
C TYR A 279 -15.55 15.18 5.31
N SER A 280 -14.86 14.79 4.25
CA SER A 280 -13.59 14.12 4.40
C SER A 280 -12.61 14.89 5.30
N GLU A 281 -12.59 16.23 5.20
CA GLU A 281 -11.68 17.09 5.96
C GLU A 281 -12.17 17.38 7.39
N LYS A 282 -13.46 17.20 7.64
CA LYS A 282 -13.97 17.26 9.01
C LYS A 282 -13.80 15.91 9.73
N TYR A 283 -13.84 14.82 8.97
CA TYR A 283 -14.00 13.48 9.55
C TYR A 283 -12.89 12.46 9.37
N ALA A 284 -12.16 12.52 8.26
CA ALA A 284 -11.06 11.60 8.04
C ALA A 284 -10.08 11.73 9.18
N PRO A 285 -9.51 10.60 9.61
CA PRO A 285 -8.46 10.55 10.61
C PRO A 285 -7.42 11.65 10.47
N LEU A 286 -7.07 12.00 9.22
CA LEU A 286 -6.05 13.01 8.91
C LEU A 286 -6.64 14.32 8.43
N ARG A 287 -6.40 15.38 9.20
CA ARG A 287 -6.98 16.72 8.99
C ARG A 287 -6.62 17.36 7.64
N GLN A 288 -5.51 16.93 7.05
CA GLN A 288 -4.93 17.60 5.89
C GLN A 288 -5.74 17.50 4.60
N LYS A 289 -5.43 18.40 3.66
CA LYS A 289 -6.05 18.47 2.34
C LYS A 289 -5.41 17.41 1.41
N LEU A 290 -6.23 16.54 0.84
CA LEU A 290 -5.78 15.47 -0.03
C LEU A 290 -5.35 16.03 -1.36
N LEU A 291 -4.21 15.55 -1.88
CA LEU A 291 -3.70 16.07 -3.15
C LEU A 291 -3.54 14.96 -4.20
N SER A 292 -3.80 15.29 -5.46
CA SER A 292 -3.55 14.29 -6.51
C SER A 292 -2.14 13.73 -6.38
N THR A 293 -1.22 14.54 -5.88
CA THR A 293 0.15 14.07 -5.65
C THR A 293 0.23 13.04 -4.51
N ASP A 294 -0.63 13.17 -3.49
CA ASP A 294 -0.70 12.21 -2.40
C ASP A 294 -0.98 10.85 -2.97
N ILE A 295 -1.92 10.82 -3.93
CA ILE A 295 -2.27 9.62 -4.68
C ILE A 295 -1.16 9.30 -5.68
N GLY A 296 -0.59 10.35 -6.26
CA GLY A 296 0.51 10.20 -7.20
C GLY A 296 1.71 9.49 -6.57
N SER A 297 2.06 9.89 -5.36
CA SER A 297 3.22 9.33 -4.65
C SER A 297 3.01 7.85 -4.36
N VAL A 298 1.75 7.49 -4.13
CA VAL A 298 1.39 6.14 -3.83
C VAL A 298 1.44 5.29 -5.09
N ALA A 299 1.03 5.90 -6.21
CA ALA A 299 0.96 5.21 -7.48
C ALA A 299 2.37 4.95 -7.91
N SER A 300 3.21 5.94 -7.71
CA SER A 300 4.59 5.79 -8.06
C SER A 300 5.18 4.58 -7.38
N PHE A 301 4.82 4.38 -6.10
CA PHE A 301 5.34 3.25 -5.30
C PHE A 301 4.88 1.91 -5.84
N LEU A 302 3.57 1.78 -6.02
CA LEU A 302 2.95 0.58 -6.57
C LEU A 302 3.51 0.23 -7.94
N LEU A 303 3.97 1.25 -8.67
CA LEU A 303 4.47 1.03 -10.01
C LEU A 303 5.95 0.62 -10.06
N SER A 304 6.61 0.54 -8.91
CA SER A 304 8.05 0.28 -8.87
C SER A 304 8.38 -1.09 -8.29
N ARG A 305 9.62 -1.52 -8.48
CA ARG A 305 10.11 -2.77 -7.94
C ARG A 305 9.95 -2.85 -6.42
N GLU A 306 9.80 -1.68 -5.80
CA GLU A 306 9.71 -1.56 -4.34
C GLU A 306 8.44 -2.16 -3.75
N SER A 307 7.62 -2.73 -4.62
CA SER A 307 6.35 -3.33 -4.22
C SER A 307 6.14 -4.66 -4.92
N ARG A 308 7.21 -5.21 -5.49
CA ARG A 308 7.18 -6.49 -6.21
C ARG A 308 6.36 -7.59 -5.51
N ALA A 309 6.11 -7.42 -4.21
CA ALA A 309 5.38 -8.41 -3.40
C ALA A 309 3.89 -8.10 -3.22
N ILE A 310 3.43 -7.00 -3.85
CA ILE A 310 2.02 -6.59 -3.81
C ILE A 310 1.30 -6.69 -5.16
N THR A 311 0.22 -7.47 -5.21
CA THR A 311 -0.65 -7.52 -6.40
C THR A 311 -2.11 -7.97 -6.07
N GLY A 312 -3.07 -7.50 -6.84
CA GLY A 312 -4.46 -7.85 -6.61
C GLY A 312 -5.09 -7.04 -5.49
N GLN A 313 -4.41 -5.98 -5.09
CA GLN A 313 -4.83 -5.21 -3.92
C GLN A 313 -5.59 -3.92 -4.26
N THR A 314 -6.60 -3.63 -3.45
CA THR A 314 -7.18 -2.30 -3.35
C THR A 314 -6.45 -1.61 -2.19
N ILE A 315 -5.70 -0.57 -2.53
CA ILE A 315 -5.05 0.26 -1.54
C ILE A 315 -5.84 1.54 -1.40
N TYR A 316 -6.27 1.83 -0.17
CA TYR A 316 -6.99 3.06 0.13
C TYR A 316 -6.03 4.25 0.41
N VAL A 317 -6.26 5.35 -0.30
CA VAL A 317 -5.45 6.55 -0.19
C VAL A 317 -6.46 7.65 -0.05
N ASP A 318 -6.95 7.85 1.17
CA ASP A 318 -8.13 8.69 1.37
C ASP A 318 -8.04 9.34 2.72
N ASN A 319 -6.81 9.53 3.20
CA ASN A 319 -6.55 10.05 4.56
C ASN A 319 -7.27 9.25 5.64
N GLY A 320 -7.63 8.02 5.29
CA GLY A 320 -8.19 7.08 6.22
C GLY A 320 -9.69 7.17 6.42
N LEU A 321 -10.37 7.96 5.61
CA LEU A 321 -11.83 8.06 5.75
C LEU A 321 -12.51 6.67 5.83
N ASN A 322 -12.05 5.74 4.99
CA ASN A 322 -12.72 4.43 4.84
C ASN A 322 -12.84 3.62 6.11
N ILE A 323 -12.03 3.94 7.12
CA ILE A 323 -12.03 3.16 8.37
C ILE A 323 -13.07 3.66 9.36
N MET A 324 -13.61 4.85 9.12
CA MET A 324 -14.63 5.42 10.00
C MET A 324 -16.00 4.79 9.79
N PHE A 325 -16.75 4.65 10.88
CA PHE A 325 -18.16 4.29 10.80
C PHE A 325 -19.00 5.56 10.86
N LEU A 326 -19.28 5.99 12.08
CA LEU A 326 -20.03 7.21 12.31
C LEU A 326 -19.06 8.37 12.50
N PRO A 327 -19.51 9.59 12.15
CA PRO A 327 -18.93 10.86 12.62
C PRO A 327 -19.06 11.06 14.14
N ASP A 328 -18.25 11.97 14.69
CA ASP A 328 -18.25 12.32 16.14
C ASP A 328 -19.22 13.47 16.41
N ASP A 329 -19.22 14.43 15.49
CA ASP A 329 -20.20 15.51 15.42
C ASP A 329 -21.47 15.01 14.70
N GLU B 1 17.88 14.08 8.78
CA GLU B 1 18.13 13.00 9.79
C GLU B 1 16.85 12.23 10.10
N ASP B 2 16.90 10.90 9.98
CA ASP B 2 15.70 10.08 10.16
C ASP B 2 15.88 8.87 11.07
N ILE B 3 15.06 8.77 12.11
CA ILE B 3 15.24 7.71 13.10
C ILE B 3 14.06 6.76 13.24
N CYS B 4 14.37 5.48 13.23
CA CYS B 4 13.34 4.49 13.42
C CYS B 4 13.64 3.60 14.60
N PHE B 5 12.62 3.25 15.36
CA PHE B 5 12.80 2.25 16.39
C PHE B 5 12.08 1.02 15.96
N ILE B 6 12.81 -0.09 15.97
CA ILE B 6 12.26 -1.37 15.55
C ILE B 6 12.19 -2.29 16.73
N ALA B 7 10.98 -2.59 17.12
CA ALA B 7 10.75 -3.43 18.25
C ALA B 7 10.61 -4.88 17.79
N GLY B 8 11.46 -5.74 18.30
CA GLY B 8 11.33 -7.15 18.05
C GLY B 8 12.24 -7.63 16.95
N ILE B 9 13.54 -7.63 17.22
CA ILE B 9 14.43 -8.51 16.45
C ILE B 9 15.38 -9.26 17.40
N GLY B 10 15.66 -10.51 17.04
CA GLY B 10 16.54 -11.36 17.82
C GLY B 10 17.64 -11.91 16.94
N ASP B 11 17.46 -11.74 15.63
CA ASP B 11 18.38 -12.29 14.64
C ASP B 11 18.19 -11.55 13.34
N THR B 12 18.75 -12.10 12.27
CA THR B 12 18.67 -11.49 10.96
C THR B 12 17.77 -12.32 10.07
N ASN B 13 17.14 -13.31 10.67
CA ASN B 13 16.28 -14.25 9.96
C ASN B 13 14.80 -13.86 9.96
N GLY B 14 14.52 -12.70 10.55
CA GLY B 14 13.16 -12.20 10.69
C GLY B 14 12.80 -11.10 9.71
N TYR B 15 11.56 -10.62 9.83
CA TYR B 15 11.10 -9.47 9.10
C TYR B 15 11.65 -8.16 9.67
N GLY B 16 11.92 -8.13 10.98
CA GLY B 16 12.54 -6.96 11.57
C GLY B 16 13.80 -6.60 10.81
N TRP B 17 14.66 -7.59 10.60
CA TRP B 17 15.90 -7.41 9.86
C TRP B 17 15.67 -6.88 8.44
N GLY B 18 14.77 -7.52 7.72
CA GLY B 18 14.34 -7.06 6.40
C GLY B 18 13.99 -5.60 6.43
N ILE B 19 13.10 -5.24 7.36
CA ILE B 19 12.70 -3.87 7.58
C ILE B 19 13.91 -2.97 7.86
N ALA B 20 14.83 -3.47 8.67
CA ALA B 20 16.01 -2.70 9.05
C ALA B 20 16.87 -2.42 7.84
N LYS B 21 17.08 -3.43 7.00
CA LYS B 21 17.91 -3.27 5.81
C LYS B 21 17.41 -2.22 4.82
N GLU B 22 16.10 -2.25 4.53
CA GLU B 22 15.51 -1.34 3.53
C GLU B 22 15.51 0.11 3.98
N LEU B 23 15.40 0.31 5.29
CA LEU B 23 15.37 1.65 5.88
C LEU B 23 16.73 2.28 5.73
N SER B 24 17.78 1.51 6.02
CA SER B 24 19.16 1.87 5.74
C SER B 24 19.32 2.32 4.30
N LYS B 25 18.83 1.51 3.37
CA LYS B 25 18.81 1.90 1.95
C LYS B 25 18.37 3.36 1.77
N ARG B 26 17.56 3.89 2.69
CA ARG B 26 17.06 5.26 2.59
C ARG B 26 17.71 6.20 3.63
N ASN B 27 18.86 5.78 4.16
CA ASN B 27 19.67 6.56 5.11
C ASN B 27 18.92 6.96 6.37
N VAL B 28 18.10 6.05 6.88
CA VAL B 28 17.45 6.25 8.17
C VAL B 28 18.15 5.47 9.28
N LYS B 29 18.49 6.17 10.36
CA LYS B 29 19.15 5.62 11.56
C LYS B 29 18.28 4.57 12.23
N ILE B 30 18.85 3.39 12.48
CA ILE B 30 18.09 2.26 13.03
C ILE B 30 18.40 1.95 14.53
N ILE B 31 17.40 2.07 15.40
CA ILE B 31 17.53 1.65 16.82
C ILE B 31 16.83 0.31 17.07
N PHE B 32 17.58 -0.68 17.56
CA PHE B 32 17.02 -2.01 17.79
C PHE B 32 16.49 -2.18 19.20
N GLY B 33 15.28 -2.74 19.28
CA GLY B 33 14.65 -3.15 20.53
C GLY B 33 14.64 -4.66 20.66
N ILE B 34 15.55 -5.19 21.48
CA ILE B 34 15.77 -6.62 21.60
C ILE B 34 15.15 -7.16 22.88
N TRP B 35 14.47 -8.30 22.75
CA TRP B 35 13.90 -8.98 23.89
C TRP B 35 15.08 -9.50 24.71
N PRO B 36 15.05 -9.31 26.04
CA PRO B 36 16.18 -9.61 26.92
C PRO B 36 16.64 -11.05 26.99
N PRO B 37 15.72 -12.02 26.87
CA PRO B 37 16.23 -13.38 26.70
C PRO B 37 17.31 -13.51 25.62
N VAL B 38 17.12 -12.91 24.44
CA VAL B 38 18.03 -13.15 23.29
C VAL B 38 19.08 -12.06 23.07
N TYR B 39 19.14 -11.11 24.02
CA TYR B 39 19.89 -9.87 23.86
C TYR B 39 21.40 -10.08 23.93
N ASN B 40 21.86 -10.74 24.99
CA ASN B 40 23.28 -10.87 25.21
C ASN B 40 23.88 -11.72 24.13
N ILE B 41 23.13 -12.75 23.75
CA ILE B 41 23.50 -13.60 22.64
C ILE B 41 23.66 -12.74 21.38
N PHE B 42 22.68 -11.86 21.15
CA PHE B 42 22.66 -11.00 19.97
C PHE B 42 23.84 -10.02 19.90
N MET B 43 24.28 -9.48 21.04
CA MET B 43 25.46 -8.59 21.05
C MET B 43 26.69 -9.40 20.77
N LYS B 44 26.78 -10.54 21.47
CA LYS B 44 27.83 -11.54 21.32
C LYS B 44 28.02 -11.86 19.84
N ASN B 45 26.94 -12.25 19.15
CA ASN B 45 26.94 -12.48 17.69
C ASN B 45 27.43 -11.27 16.90
N TYR B 46 26.92 -10.10 17.28
CA TYR B 46 27.19 -8.84 16.57
C TYR B 46 28.67 -8.46 16.67
N LYS B 47 29.15 -8.34 17.91
CA LYS B 47 30.55 -8.10 18.18
C LYS B 47 31.43 -9.06 17.35
N ASN B 48 31.15 -10.37 17.45
CA ASN B 48 31.86 -11.39 16.67
C ASN B 48 31.68 -11.30 15.15
N GLY B 49 30.78 -10.45 14.68
CA GLY B 49 30.58 -10.24 13.25
C GLY B 49 29.86 -11.34 12.45
N LYS B 50 28.94 -12.05 13.09
CA LYS B 50 28.15 -13.07 12.41
C LYS B 50 27.13 -12.43 11.44
N PHE B 51 26.90 -11.14 11.63
CA PHE B 51 25.86 -10.44 10.87
C PHE B 51 26.43 -9.56 9.77
N ASP B 52 27.76 -9.60 9.62
CA ASP B 52 28.44 -8.75 8.63
C ASP B 52 27.99 -8.99 7.20
N ASN B 53 27.95 -10.26 6.80
CA ASN B 53 27.28 -10.67 5.57
C ASN B 53 25.87 -10.08 5.47
N ASP B 54 25.10 -10.23 6.55
CA ASP B 54 23.68 -9.91 6.56
C ASP B 54 23.38 -8.41 6.58
N MET B 55 24.40 -7.62 6.95
CA MET B 55 24.33 -6.17 7.02
C MET B 55 24.69 -5.48 5.70
N ILE B 56 25.06 -6.29 4.70
CA ILE B 56 25.40 -5.82 3.35
C ILE B 56 24.17 -5.29 2.61
N ILE B 57 24.04 -3.97 2.55
CA ILE B 57 23.14 -3.32 1.60
C ILE B 57 23.95 -3.12 0.31
N ASP B 58 24.00 -4.18 -0.49
CA ASP B 58 24.70 -4.27 -1.79
C ASP B 58 25.55 -3.06 -2.17
N LYS B 59 24.85 -1.97 -2.54
CA LYS B 59 25.45 -0.71 -3.03
C LYS B 59 26.51 -0.08 -2.11
N ASP B 60 27.54 -0.87 -1.79
CA ASP B 60 28.69 -0.46 -0.97
C ASP B 60 28.34 0.38 0.25
N LYS B 61 27.11 0.23 0.72
CA LYS B 61 26.71 0.81 1.99
C LYS B 61 26.60 -0.31 3.02
N LYS B 62 27.15 -0.02 4.21
CA LYS B 62 27.00 -0.88 5.38
C LYS B 62 25.72 -0.46 6.08
N MET B 63 24.93 -1.45 6.52
CA MET B 63 23.78 -1.18 7.34
C MET B 63 24.18 -0.24 8.50
N ASN B 64 23.45 0.86 8.68
CA ASN B 64 23.78 1.80 9.74
C ASN B 64 22.87 1.60 10.95
N ILE B 65 23.39 0.90 11.97
CA ILE B 65 22.69 0.65 13.24
C ILE B 65 23.11 1.64 14.31
N LEU B 66 22.22 2.57 14.66
CA LEU B 66 22.50 3.59 15.68
C LEU B 66 22.79 2.97 17.06
N ASP B 67 21.96 2.00 17.44
CA ASP B 67 21.92 1.54 18.82
C ASP B 67 21.14 0.25 18.95
N MET B 68 21.57 -0.60 19.88
CA MET B 68 20.84 -1.81 20.24
C MET B 68 20.45 -1.79 21.73
N LEU B 69 19.15 -1.96 22.00
CA LEU B 69 18.63 -1.79 23.35
C LEU B 69 17.78 -2.96 23.83
N PRO B 70 17.95 -3.35 25.11
CA PRO B 70 17.06 -4.36 25.65
C PRO B 70 15.65 -3.79 25.69
N PHE B 71 14.66 -4.65 25.49
CA PHE B 71 13.25 -4.24 25.38
C PHE B 71 12.31 -5.40 25.62
N ASP B 72 11.35 -5.21 26.52
CA ASP B 72 10.31 -6.22 26.72
C ASP B 72 8.93 -5.61 26.63
N ALA B 73 8.24 -5.92 25.53
CA ALA B 73 6.96 -5.32 25.19
C ALA B 73 5.82 -5.80 26.09
N SER B 74 6.16 -6.58 27.11
CA SER B 74 5.18 -7.01 28.10
C SER B 74 5.07 -6.06 29.29
N PHE B 75 6.09 -5.22 29.50
CA PHE B 75 6.07 -4.28 30.61
C PHE B 75 5.97 -2.84 30.15
N ASP B 76 4.91 -2.17 30.58
CA ASP B 76 4.67 -0.78 30.26
C ASP B 76 5.67 0.10 30.99
N THR B 77 5.62 0.06 32.32
CA THR B 77 6.46 0.91 33.15
C THR B 77 7.25 0.03 34.10
N ALA B 78 8.09 0.64 34.92
CA ALA B 78 8.92 -0.12 35.86
C ALA B 78 8.11 -0.93 36.88
N ASN B 79 7.09 -0.33 37.49
CA ASN B 79 6.27 -1.06 38.49
C ASN B 79 5.47 -2.24 37.95
N ASP B 80 5.45 -2.42 36.63
CA ASP B 80 4.80 -3.57 36.01
C ASP B 80 5.68 -4.80 36.03
N ILE B 81 6.95 -4.56 36.31
CA ILE B 81 7.97 -5.59 36.34
C ILE B 81 7.76 -6.42 37.59
N ASP B 82 7.60 -7.73 37.42
CA ASP B 82 7.43 -8.62 38.57
C ASP B 82 8.77 -8.99 39.20
N GLU B 83 8.70 -9.58 40.39
CA GLU B 83 9.88 -9.85 41.18
C GLU B 83 10.61 -11.14 40.77
N GLU B 84 10.06 -11.87 39.81
CA GLU B 84 10.78 -13.02 39.24
C GLU B 84 11.60 -12.58 38.03
N THR B 85 11.08 -11.64 37.25
CA THR B 85 11.86 -11.03 36.18
C THR B 85 12.89 -10.02 36.71
N LYS B 86 12.68 -9.51 37.93
CA LYS B 86 13.72 -8.78 38.67
C LYS B 86 14.92 -9.69 38.98
N ASN B 87 14.65 -10.93 39.39
CA ASN B 87 15.70 -11.90 39.69
C ASN B 87 16.33 -12.56 38.46
N ASN B 88 15.57 -12.74 37.38
CA ASN B 88 15.96 -13.64 36.31
C ASN B 88 17.37 -13.43 35.76
N LYS B 89 18.03 -14.53 35.46
CA LYS B 89 19.39 -14.51 34.94
C LYS B 89 19.56 -13.58 33.75
N ARG B 90 18.62 -13.64 32.80
CA ARG B 90 18.75 -12.86 31.58
C ARG B 90 18.51 -11.37 31.78
N TYR B 91 17.65 -11.05 32.75
CA TYR B 91 17.20 -9.66 32.97
C TYR B 91 17.97 -8.92 34.07
N ASN B 92 18.76 -9.67 34.85
CA ASN B 92 19.42 -9.15 36.06
C ASN B 92 20.39 -8.00 35.83
N MET B 93 21.10 -8.09 34.73
CA MET B 93 22.19 -7.21 34.44
C MET B 93 21.76 -6.13 33.47
N LEU B 94 20.45 -5.91 33.36
CA LEU B 94 19.89 -4.99 32.36
C LEU B 94 18.93 -4.03 33.01
N GLN B 95 18.84 -2.83 32.44
CA GLN B 95 17.92 -1.80 32.95
C GLN B 95 17.19 -1.15 31.77
N ASN B 96 16.18 -0.34 32.09
CA ASN B 96 15.45 0.50 31.10
C ASN B 96 14.91 -0.28 29.93
N TYR B 97 14.20 -1.38 30.18
CA TYR B 97 13.80 -2.26 29.07
C TYR B 97 12.29 -2.33 28.91
N THR B 98 11.58 -1.60 29.75
CA THR B 98 10.14 -1.45 29.62
C THR B 98 9.86 -0.43 28.52
N ILE B 99 8.63 -0.44 28.02
CA ILE B 99 8.15 0.51 27.02
C ILE B 99 8.33 1.99 27.43
N GLU B 100 7.84 2.37 28.61
CA GLU B 100 8.05 3.74 29.12
C GLU B 100 9.56 4.09 29.14
N ASP B 101 10.38 3.15 29.64
CA ASP B 101 11.81 3.37 29.86
C ASP B 101 12.60 3.51 28.58
N VAL B 102 12.43 2.57 27.63
CA VAL B 102 13.16 2.69 26.37
C VAL B 102 12.69 3.93 25.62
N ALA B 103 11.40 4.26 25.77
CA ALA B 103 10.91 5.50 25.20
C ALA B 103 11.71 6.67 25.73
N ASN B 104 11.90 6.73 27.06
CA ASN B 104 12.67 7.81 27.69
C ASN B 104 14.14 7.75 27.37
N LEU B 105 14.66 6.53 27.36
CA LEU B 105 16.06 6.26 27.04
C LEU B 105 16.40 6.84 25.66
N ILE B 106 15.59 6.49 24.65
CA ILE B 106 15.82 6.92 23.25
C ILE B 106 15.70 8.44 23.16
N HIS B 107 14.65 8.95 23.77
CA HIS B 107 14.39 10.36 23.71
C HIS B 107 15.55 11.19 24.26
N GLN B 108 16.08 10.77 25.40
CA GLN B 108 17.17 11.49 26.05
C GLN B 108 18.50 11.33 25.31
N LYS B 109 18.75 10.16 24.71
CA LYS B 109 19.98 9.97 23.94
C LYS B 109 19.94 10.70 22.59
N TYR B 110 18.79 10.70 21.90
CA TYR B 110 18.75 11.12 20.50
C TYR B 110 17.65 12.12 20.12
N GLY B 111 16.75 12.43 21.03
CA GLY B 111 15.63 13.33 20.74
C GLY B 111 14.44 12.61 20.08
N LYS B 112 13.47 13.40 19.62
CA LYS B 112 12.30 12.87 18.93
C LYS B 112 12.69 11.96 17.76
N ILE B 113 11.92 10.88 17.54
CA ILE B 113 12.05 10.02 16.34
C ILE B 113 10.82 10.23 15.44
N ASN B 114 10.78 9.61 14.27
CA ASN B 114 9.60 9.78 13.40
C ASN B 114 9.06 8.51 12.78
N MET B 115 9.68 7.38 13.13
CA MET B 115 9.30 6.08 12.60
C MET B 115 9.28 5.03 13.69
N LEU B 116 8.23 4.20 13.69
CA LEU B 116 8.07 3.16 14.70
C LEU B 116 7.67 1.84 14.08
N VAL B 117 8.31 0.75 14.48
CA VAL B 117 8.03 -0.58 13.92
C VAL B 117 7.77 -1.60 15.02
N HIS B 118 6.61 -2.25 14.90
CA HIS B 118 6.19 -3.30 15.80
C HIS B 118 6.33 -4.62 15.06
N SER B 119 7.43 -5.32 15.30
CA SER B 119 7.68 -6.59 14.63
C SER B 119 7.83 -7.73 15.63
N LEU B 120 6.79 -7.95 16.42
CA LEU B 120 6.82 -8.97 17.45
C LEU B 120 5.42 -9.51 17.74
N ALA B 121 5.38 -10.81 17.96
CA ALA B 121 4.18 -11.51 18.35
C ALA B 121 4.74 -12.50 19.33
N ASN B 122 3.86 -13.03 20.17
CA ASN B 122 4.21 -14.08 21.06
C ASN B 122 2.98 -14.74 21.58
N ALA B 123 2.91 -16.06 21.47
CA ALA B 123 1.77 -16.78 22.01
C ALA B 123 2.22 -18.11 22.61
N LYS B 124 2.31 -18.12 23.95
CA LYS B 124 2.68 -19.30 24.70
C LYS B 124 2.09 -20.56 24.09
N GLU B 125 0.77 -20.56 23.87
CA GLU B 125 0.05 -21.77 23.53
C GLU B 125 -0.27 -22.01 22.05
N VAL B 126 0.63 -21.56 21.18
CA VAL B 126 0.39 -21.58 19.71
C VAL B 126 0.19 -22.97 19.14
N GLN B 127 0.79 -23.97 19.76
CA GLN B 127 0.65 -25.35 19.30
C GLN B 127 -0.72 -25.97 19.57
N LYS B 128 -1.33 -25.64 20.72
CA LYS B 128 -2.67 -26.10 21.03
C LYS B 128 -3.65 -25.24 20.26
N ASP B 129 -4.68 -25.83 19.66
CA ASP B 129 -5.59 -25.04 18.84
C ASP B 129 -6.56 -24.20 19.66
N LEU B 130 -7.19 -23.20 19.02
CA LEU B 130 -8.05 -22.19 19.69
C LEU B 130 -8.95 -22.80 20.77
N LEU B 131 -9.69 -23.83 20.38
CA LEU B 131 -10.60 -24.54 21.25
C LEU B 131 -9.93 -25.04 22.53
N ASN B 132 -8.67 -25.47 22.41
CA ASN B 132 -7.94 -26.01 23.55
C ASN B 132 -6.91 -25.07 24.16
N THR B 133 -7.19 -23.78 24.08
CA THR B 133 -6.28 -22.78 24.63
C THR B 133 -6.90 -22.25 25.92
N SER B 134 -6.08 -22.19 26.96
CA SER B 134 -6.50 -21.73 28.29
C SER B 134 -6.64 -20.21 28.32
N ARG B 135 -7.43 -19.72 29.26
CA ARG B 135 -7.56 -18.30 29.43
C ARG B 135 -6.18 -17.65 29.51
N LYS B 136 -5.33 -18.19 30.37
CA LYS B 136 -4.00 -17.65 30.60
C LYS B 136 -3.21 -17.49 29.30
N GLY B 137 -3.21 -18.54 28.47
CA GLY B 137 -2.46 -18.54 27.20
C GLY B 137 -2.97 -17.50 26.21
N TYR B 138 -4.30 -17.42 26.08
CA TYR B 138 -5.02 -16.47 25.21
C TYR B 138 -4.66 -15.02 25.54
N LEU B 139 -4.96 -14.66 26.79
CA LEU B 139 -4.76 -13.32 27.27
C LEU B 139 -3.29 -12.98 27.14
N ASP B 140 -2.42 -13.97 27.37
CA ASP B 140 -0.97 -13.72 27.25
C ASP B 140 -0.62 -13.44 25.81
N ALA B 141 -1.18 -14.23 24.89
CA ALA B 141 -1.03 -14.01 23.44
C ALA B 141 -1.52 -12.63 23.05
N LEU B 142 -2.61 -12.17 23.68
CA LEU B 142 -3.14 -10.83 23.40
C LEU B 142 -2.36 -9.68 24.00
N SER B 143 -1.82 -9.91 25.19
CA SER B 143 -0.97 -8.94 25.89
C SER B 143 0.26 -8.65 25.04
N LYS B 144 0.93 -9.74 24.64
CA LYS B 144 2.23 -9.67 24.01
C LYS B 144 2.18 -9.25 22.55
N SER B 145 1.17 -9.71 21.82
CA SER B 145 1.05 -9.46 20.36
C SER B 145 0.16 -8.28 19.96
N SER B 146 -0.78 -7.89 20.82
CA SER B 146 -1.77 -6.89 20.44
C SER B 146 -1.65 -5.67 21.32
N TYR B 147 -1.72 -5.86 22.64
CA TYR B 147 -1.69 -4.72 23.53
C TYR B 147 -0.38 -3.96 23.40
N SER B 148 0.71 -4.68 23.21
CA SER B 148 2.03 -4.08 23.16
C SER B 148 2.12 -2.92 22.17
N LEU B 149 1.43 -3.06 21.04
CA LEU B 149 1.33 -2.01 20.03
C LEU B 149 0.69 -0.74 20.58
N ILE B 150 -0.44 -0.93 21.25
CA ILE B 150 -1.19 0.16 21.87
C ILE B 150 -0.32 0.91 22.87
N SER B 151 0.31 0.16 23.77
CA SER B 151 1.23 0.73 24.75
C SER B 151 2.45 1.42 24.09
N LEU B 152 3.01 0.79 23.05
CA LEU B 152 4.08 1.41 22.28
C LEU B 152 3.63 2.74 21.76
N CYS B 153 2.37 2.79 21.36
CA CYS B 153 1.85 4.02 20.79
C CYS B 153 1.71 5.09 21.86
N LYS B 154 1.01 4.77 22.96
CA LYS B 154 0.86 5.72 24.06
C LYS B 154 2.17 6.40 24.44
N TYR B 155 3.24 5.61 24.60
CA TYR B 155 4.48 6.15 25.15
C TYR B 155 5.36 6.83 24.11
N PHE B 156 5.52 6.19 22.97
CA PHE B 156 6.41 6.72 21.95
C PHE B 156 5.84 7.95 21.27
N VAL B 157 4.53 8.09 21.33
CA VAL B 157 3.84 9.21 20.69
C VAL B 157 4.26 10.57 21.28
N ASN B 158 4.93 10.53 22.43
CA ASN B 158 5.50 11.73 23.05
C ASN B 158 6.89 12.03 22.55
N ILE B 159 7.51 11.07 21.87
CA ILE B 159 8.87 11.29 21.44
C ILE B 159 8.90 11.29 19.91
N MET B 160 7.72 11.50 19.32
CA MET B 160 7.60 11.57 17.86
C MET B 160 7.08 12.93 17.39
N LYS B 161 7.74 13.47 16.36
CA LYS B 161 7.29 14.69 15.70
C LYS B 161 5.95 14.43 15.01
N PRO B 162 5.22 15.48 14.61
CA PRO B 162 4.07 15.18 13.75
C PRO B 162 4.55 14.60 12.43
N GLN B 163 3.62 14.05 11.64
CA GLN B 163 3.90 13.41 10.34
C GLN B 163 4.70 12.11 10.48
N SER B 164 4.84 11.65 11.71
CA SER B 164 5.48 10.39 11.97
C SER B 164 4.58 9.22 11.52
N SER B 165 5.08 7.99 11.66
CA SER B 165 4.45 6.83 11.05
C SER B 165 4.84 5.55 11.79
N ILE B 166 3.87 4.67 11.96
CA ILE B 166 4.03 3.46 12.75
C ILE B 166 3.55 2.25 11.93
N ILE B 167 4.27 1.14 12.00
CA ILE B 167 3.75 -0.09 11.41
C ILE B 167 3.82 -1.31 12.34
N SER B 168 2.92 -2.26 12.11
CA SER B 168 2.99 -3.55 12.77
C SER B 168 2.87 -4.62 11.70
N LEU B 169 3.23 -5.85 12.07
CA LEU B 169 3.11 -7.00 11.19
C LEU B 169 1.93 -7.84 11.61
N THR B 170 1.13 -8.27 10.65
CA THR B 170 0.04 -9.18 10.93
C THR B 170 0.03 -10.36 9.97
N TYR B 171 -0.98 -11.22 10.09
CA TYR B 171 -1.11 -12.40 9.24
C TYR B 171 -2.57 -12.66 8.86
N HIS B 172 -2.77 -13.11 7.63
CA HIS B 172 -4.09 -13.29 7.04
C HIS B 172 -5.05 -14.23 7.79
N ALA B 173 -4.52 -14.96 8.77
CA ALA B 173 -5.29 -15.94 9.55
C ALA B 173 -6.31 -15.26 10.44
N SER B 174 -6.20 -13.96 10.57
CA SER B 174 -7.18 -13.18 11.33
C SER B 174 -8.45 -13.07 10.54
N GLN B 175 -8.32 -13.06 9.21
CA GLN B 175 -9.50 -12.95 8.36
C GLN B 175 -10.00 -14.30 7.87
N LYS B 176 -9.08 -15.24 7.69
CA LYS B 176 -9.43 -16.60 7.21
C LYS B 176 -8.71 -17.65 8.02
N VAL B 177 -9.40 -18.73 8.34
CA VAL B 177 -8.82 -19.71 9.24
C VAL B 177 -7.61 -20.45 8.66
N VAL B 178 -6.55 -20.49 9.46
CA VAL B 178 -5.42 -21.34 9.17
C VAL B 178 -5.19 -22.29 10.32
N PRO B 179 -5.54 -23.55 10.10
CA PRO B 179 -5.36 -24.49 11.20
C PRO B 179 -3.86 -24.56 11.51
N GLY B 180 -3.53 -24.59 12.79
CA GLY B 180 -2.13 -24.66 13.19
C GLY B 180 -1.67 -23.38 13.86
N TYR B 181 -2.24 -22.28 13.42
CA TYR B 181 -1.98 -20.97 13.99
C TYR B 181 -2.85 -20.79 15.23
N GLY B 182 -2.44 -21.42 16.33
CA GLY B 182 -3.29 -21.46 17.51
C GLY B 182 -2.88 -20.59 18.66
N GLY B 183 -3.41 -20.92 19.84
CA GLY B 183 -3.06 -20.26 21.09
C GLY B 183 -3.53 -18.83 21.16
N GLY B 184 -4.46 -18.48 20.29
CA GLY B 184 -4.97 -17.12 20.26
C GLY B 184 -4.18 -16.17 19.39
N MET B 185 -3.21 -16.70 18.64
CA MET B 185 -2.47 -15.85 17.70
C MET B 185 -3.41 -15.19 16.68
N SER B 186 -4.40 -15.93 16.21
CA SER B 186 -5.31 -15.40 15.20
C SER B 186 -6.18 -14.32 15.84
N SER B 187 -6.68 -14.61 17.03
CA SER B 187 -7.45 -13.67 17.79
C SER B 187 -6.62 -12.39 17.95
N ALA B 188 -5.35 -12.57 18.33
CA ALA B 188 -4.42 -11.45 18.54
C ALA B 188 -4.19 -10.57 17.30
N LYS B 189 -3.93 -11.20 16.15
CA LYS B 189 -3.79 -10.49 14.88
C LYS B 189 -5.10 -9.81 14.48
N ALA B 190 -6.23 -10.48 14.73
CA ALA B 190 -7.56 -9.88 14.52
C ALA B 190 -7.71 -8.59 15.33
N ALA B 191 -7.35 -8.68 16.62
CA ALA B 191 -7.38 -7.54 17.52
C ALA B 191 -6.43 -6.43 17.06
N LEU B 192 -5.17 -6.80 16.84
CA LEU B 192 -4.18 -5.90 16.22
C LEU B 192 -4.73 -5.18 14.96
N GLU B 193 -5.41 -5.90 14.08
CA GLU B 193 -5.87 -5.29 12.83
C GLU B 193 -6.96 -4.26 13.08
N SER B 194 -7.85 -4.57 14.03
CA SER B 194 -8.88 -3.65 14.49
C SER B 194 -8.33 -2.42 15.25
N ASP B 195 -7.37 -2.63 16.13
CA ASP B 195 -6.74 -1.55 16.89
C ASP B 195 -6.01 -0.59 15.99
N THR B 196 -5.43 -1.12 14.90
CA THR B 196 -4.74 -0.33 13.87
C THR B 196 -5.65 0.76 13.30
N ARG B 197 -6.92 0.42 13.07
CA ARG B 197 -7.96 1.38 12.70
C ARG B 197 -8.28 2.40 13.80
N VAL B 198 -8.84 1.95 14.91
CA VAL B 198 -9.10 2.82 16.06
C VAL B 198 -7.91 3.76 16.35
N LEU B 199 -6.74 3.19 16.64
CA LEU B 199 -5.55 4.03 16.87
C LEU B 199 -5.33 5.04 15.74
N ALA B 200 -5.53 4.64 14.47
CA ALA B 200 -5.35 5.57 13.34
C ALA B 200 -6.23 6.79 13.48
N TYR B 201 -7.43 6.61 14.03
CA TYR B 201 -8.30 7.72 14.29
C TYR B 201 -7.72 8.64 15.37
N HIS B 202 -7.32 8.08 16.51
CA HIS B 202 -6.80 8.88 17.63
C HIS B 202 -5.46 9.53 17.29
N LEU B 203 -4.54 8.73 16.73
CA LEU B 203 -3.21 9.22 16.41
C LEU B 203 -3.23 10.25 15.31
N GLY B 204 -4.26 10.16 14.45
CA GLY B 204 -4.45 11.07 13.33
C GLY B 204 -4.96 12.42 13.76
N ARG B 205 -6.17 12.47 14.32
CA ARG B 205 -6.72 13.75 14.75
C ARG B 205 -5.84 14.45 15.75
N ASN B 206 -5.28 13.69 16.70
CA ASN B 206 -4.52 14.28 17.82
C ASN B 206 -3.04 14.57 17.52
N TYR B 207 -2.40 13.73 16.72
CA TYR B 207 -0.96 13.90 16.52
C TYR B 207 -0.50 14.10 15.07
N ASN B 208 -1.41 13.95 14.12
CA ASN B 208 -1.04 13.91 12.69
C ASN B 208 0.02 12.83 12.45
N ILE B 209 -0.17 11.70 13.16
CA ILE B 209 0.71 10.56 13.03
C ILE B 209 -0.07 9.39 12.46
N ARG B 210 0.52 8.75 11.48
CA ARG B 210 -0.11 7.62 10.78
C ARG B 210 0.28 6.27 11.39
N ILE B 211 -0.58 5.27 11.21
CA ILE B 211 -0.33 3.90 11.65
C ILE B 211 -1.01 2.92 10.69
N ASN B 212 -0.26 1.93 10.22
CA ASN B 212 -0.80 0.89 9.33
C ASN B 212 -0.23 -0.46 9.72
N THR B 213 -0.84 -1.54 9.24
CA THR B 213 -0.30 -2.86 9.52
C THR B 213 -0.05 -3.67 8.22
N ILE B 214 1.08 -4.36 8.16
CA ILE B 214 1.44 -5.14 6.97
C ILE B 214 1.04 -6.60 7.18
N SER B 215 0.25 -7.13 6.26
CA SER B 215 -0.11 -8.53 6.32
C SER B 215 0.85 -9.30 5.42
N ALA B 216 1.77 -10.02 6.06
CA ALA B 216 2.88 -10.66 5.37
C ALA B 216 2.53 -12.05 4.85
N GLY B 217 3.23 -12.46 3.79
CA GLY B 217 3.31 -13.86 3.42
C GLY B 217 4.26 -14.62 4.36
N PRO B 218 4.39 -15.93 4.17
CA PRO B 218 5.22 -16.66 5.10
C PRO B 218 6.71 -16.51 4.81
N LEU B 219 7.51 -16.60 5.87
CA LEU B 219 8.95 -16.48 5.77
C LEU B 219 9.52 -17.39 6.84
N LYS B 220 10.59 -18.14 6.52
CA LYS B 220 11.16 -19.09 7.48
C LYS B 220 12.00 -18.41 8.55
N SER B 221 11.32 -17.64 9.39
CA SER B 221 11.97 -17.00 10.52
C SER B 221 12.08 -17.98 11.69
N ARG B 222 12.94 -17.66 12.65
CA ARG B 222 13.13 -18.51 13.83
C ARG B 222 11.77 -18.77 14.48
N ALA B 223 11.01 -17.70 14.72
CA ALA B 223 9.72 -17.79 15.39
C ALA B 223 8.71 -18.64 14.61
N ALA B 224 8.78 -18.56 13.28
CA ALA B 224 7.92 -19.35 12.39
C ALA B 224 8.19 -20.87 12.51
N THR B 225 9.47 -21.22 12.62
CA THR B 225 9.89 -22.59 12.81
C THR B 225 9.46 -23.09 14.18
N ALA B 226 9.29 -22.18 15.13
CA ALA B 226 8.84 -22.60 16.48
C ALA B 226 7.33 -22.84 16.59
N ILE B 227 6.55 -22.44 15.57
CA ILE B 227 5.12 -22.77 15.50
C ILE B 227 5.02 -24.28 15.51
N ASN B 228 5.97 -24.91 14.83
CA ASN B 228 6.28 -26.34 14.96
C ASN B 228 5.03 -27.20 15.08
N LYS B 229 4.09 -26.90 14.20
CA LYS B 229 2.89 -27.70 14.06
C LYS B 229 3.25 -28.82 13.07
N TYR B 270 7.91 -31.77 8.99
CA TYR B 270 8.58 -30.64 8.29
C TYR B 270 7.81 -29.31 8.42
N THR B 271 6.81 -29.29 9.29
CA THR B 271 6.24 -28.05 9.88
C THR B 271 5.28 -27.19 9.06
N PHE B 272 4.48 -26.47 9.83
CA PHE B 272 3.52 -25.48 9.41
C PHE B 272 4.13 -24.46 8.48
N ILE B 273 5.33 -23.99 8.79
CA ILE B 273 5.95 -22.95 7.97
C ILE B 273 6.48 -23.43 6.62
N ASP B 274 7.07 -24.62 6.57
CA ASP B 274 7.56 -25.15 5.31
C ASP B 274 6.40 -25.47 4.37
N TYR B 275 5.26 -25.83 4.96
CA TYR B 275 4.05 -26.07 4.20
C TYR B 275 3.47 -24.73 3.71
N ALA B 276 3.23 -23.81 4.64
CA ALA B 276 2.83 -22.40 4.32
C ALA B 276 3.61 -21.77 3.16
N ILE B 277 4.90 -22.11 3.06
CA ILE B 277 5.82 -21.57 2.05
C ILE B 277 5.71 -22.28 0.71
N GLU B 278 5.54 -23.60 0.71
CA GLU B 278 5.38 -24.34 -0.53
C GLU B 278 4.08 -23.99 -1.21
N TYR B 279 3.02 -23.96 -0.41
CA TYR B 279 1.71 -23.58 -0.91
C TYR B 279 1.79 -22.22 -1.55
N SER B 280 2.48 -21.30 -0.89
CA SER B 280 2.51 -19.92 -1.34
C SER B 280 3.30 -19.79 -2.65
N GLU B 281 4.44 -20.47 -2.70
CA GLU B 281 5.29 -20.38 -3.87
C GLU B 281 4.71 -21.12 -5.06
N LYS B 282 3.61 -21.83 -4.84
CA LYS B 282 2.98 -22.60 -5.89
C LYS B 282 1.59 -22.11 -6.22
N TYR B 283 0.93 -21.48 -5.27
CA TYR B 283 -0.43 -20.99 -5.50
C TYR B 283 -0.59 -19.48 -5.53
N ALA B 284 0.49 -18.74 -5.29
CA ALA B 284 0.42 -17.29 -5.35
C ALA B 284 0.42 -16.85 -6.78
N PRO B 285 -0.31 -15.76 -7.06
CA PRO B 285 -0.17 -15.06 -8.33
C PRO B 285 1.31 -14.83 -8.68
N LEU B 286 2.09 -14.29 -7.74
CA LEU B 286 3.52 -14.06 -7.91
C LEU B 286 4.28 -15.28 -7.39
N ARG B 287 4.96 -15.94 -8.31
CA ARG B 287 5.53 -17.25 -8.00
C ARG B 287 6.98 -17.18 -7.57
N GLN B 288 7.37 -16.06 -6.96
CA GLN B 288 8.75 -15.77 -6.57
C GLN B 288 8.94 -15.90 -5.06
N LYS B 289 10.14 -16.29 -4.65
CA LYS B 289 10.42 -16.38 -3.22
C LYS B 289 10.06 -15.06 -2.55
N LEU B 290 9.27 -15.13 -1.49
CA LEU B 290 9.00 -13.94 -0.69
C LEU B 290 10.13 -13.73 0.30
N LEU B 291 10.76 -12.55 0.25
CA LEU B 291 11.96 -12.25 1.05
C LEU B 291 11.66 -11.27 2.16
N SER B 292 12.51 -11.26 3.20
CA SER B 292 12.33 -10.32 4.31
C SER B 292 12.44 -8.90 3.77
N THR B 293 13.41 -8.69 2.88
CA THR B 293 13.54 -7.41 2.18
C THR B 293 12.27 -6.93 1.42
N ASP B 294 11.42 -7.86 0.97
CA ASP B 294 10.17 -7.48 0.30
C ASP B 294 9.19 -6.80 1.27
N ILE B 295 9.18 -7.23 2.51
CA ILE B 295 8.38 -6.56 3.52
C ILE B 295 8.99 -5.20 3.86
N GLY B 296 10.31 -5.18 3.99
CA GLY B 296 11.01 -3.95 4.33
C GLY B 296 10.68 -2.81 3.40
N SER B 297 10.86 -3.05 2.09
CA SER B 297 10.66 -2.02 1.05
C SER B 297 9.27 -1.42 1.10
N VAL B 298 8.31 -2.23 1.51
CA VAL B 298 6.97 -1.74 1.72
C VAL B 298 6.91 -0.99 3.06
N ALA B 299 7.51 -1.57 4.11
CA ALA B 299 7.50 -0.97 5.44
C ALA B 299 8.14 0.39 5.35
N SER B 300 9.22 0.46 4.60
CA SER B 300 9.93 1.69 4.31
C SER B 300 9.01 2.78 3.74
N PHE B 301 8.23 2.43 2.72
CA PHE B 301 7.34 3.37 2.03
C PHE B 301 6.29 3.96 2.98
N LEU B 302 5.67 3.06 3.74
CA LEU B 302 4.72 3.46 4.75
C LEU B 302 5.35 4.38 5.80
N LEU B 303 6.55 4.04 6.23
CA LEU B 303 7.21 4.89 7.22
C LEU B 303 7.58 6.28 6.68
N SER B 304 7.68 6.37 5.35
CA SER B 304 8.02 7.64 4.70
C SER B 304 6.76 8.49 4.52
N ARG B 305 6.99 9.74 4.12
CA ARG B 305 5.94 10.70 3.77
C ARG B 305 5.19 10.31 2.50
N GLU B 306 5.81 9.47 1.66
CA GLU B 306 5.20 9.01 0.40
C GLU B 306 3.83 8.36 0.58
N SER B 307 3.59 7.85 1.79
CA SER B 307 2.33 7.22 2.14
C SER B 307 1.49 8.14 3.04
N ARG B 308 1.70 9.45 2.92
CA ARG B 308 1.05 10.45 3.78
C ARG B 308 -0.48 10.41 3.82
N ALA B 309 -1.10 9.72 2.86
CA ALA B 309 -2.55 9.66 2.79
C ALA B 309 -3.16 8.29 3.11
N ILE B 310 -2.29 7.33 3.48
CA ILE B 310 -2.69 5.98 3.91
C ILE B 310 -2.56 5.83 5.43
N THR B 311 -3.64 5.42 6.09
CA THR B 311 -3.63 5.23 7.55
C THR B 311 -4.81 4.33 7.97
N GLY B 312 -4.59 3.43 8.92
CA GLY B 312 -5.64 2.51 9.41
C GLY B 312 -5.74 1.21 8.63
N GLN B 313 -4.87 1.04 7.65
CA GLN B 313 -4.98 -0.02 6.69
C GLN B 313 -4.16 -1.23 7.07
N THR B 314 -4.69 -2.39 6.68
CA THR B 314 -3.97 -3.62 6.58
C THR B 314 -3.53 -3.79 5.11
N ILE B 315 -2.23 -3.74 4.88
CA ILE B 315 -1.66 -3.87 3.52
C ILE B 315 -1.04 -5.23 3.29
N TYR B 316 -1.60 -5.99 2.36
CA TYR B 316 -1.09 -7.31 2.08
C TYR B 316 0.19 -7.28 1.27
N VAL B 317 1.28 -7.68 1.92
CA VAL B 317 2.54 -7.90 1.26
C VAL B 317 2.80 -9.40 1.32
N ASP B 318 2.40 -10.11 0.26
CA ASP B 318 2.31 -11.55 0.32
C ASP B 318 2.20 -12.21 -1.05
N ASN B 319 2.74 -11.55 -2.09
CA ASN B 319 2.69 -12.08 -3.46
C ASN B 319 1.26 -12.36 -3.94
N GLY B 320 0.29 -11.66 -3.35
CA GLY B 320 -1.12 -11.79 -3.71
C GLY B 320 -1.85 -13.04 -3.25
N LEU B 321 -1.22 -13.86 -2.42
CA LEU B 321 -1.83 -15.12 -1.98
C LEU B 321 -3.24 -14.98 -1.40
N ASN B 322 -3.54 -13.83 -0.81
CA ASN B 322 -4.85 -13.62 -0.17
C ASN B 322 -6.05 -13.50 -1.11
N ILE B 323 -5.80 -13.18 -2.37
CA ILE B 323 -6.86 -12.95 -3.35
C ILE B 323 -7.44 -14.27 -3.88
N MET B 324 -6.71 -15.36 -3.70
CA MET B 324 -7.08 -16.68 -4.25
C MET B 324 -8.14 -17.36 -3.42
N PHE B 325 -9.09 -18.03 -4.09
CA PHE B 325 -10.08 -18.85 -3.37
C PHE B 325 -9.75 -20.33 -3.49
N LEU B 326 -9.50 -20.80 -4.71
CA LEU B 326 -9.17 -22.19 -4.94
C LEU B 326 -7.81 -22.35 -5.61
N PRO B 327 -7.07 -23.41 -5.22
CA PRO B 327 -5.90 -23.89 -5.97
C PRO B 327 -6.23 -24.11 -7.45
N ASP B 328 -5.29 -23.78 -8.34
CA ASP B 328 -5.51 -23.80 -9.80
C ASP B 328 -6.00 -25.15 -10.30
N ASP B 329 -5.14 -26.16 -10.13
CA ASP B 329 -5.40 -27.58 -10.46
C ASP B 329 -6.29 -27.89 -11.69
#